data_2DDH
#
_entry.id   2DDH
#
_cell.length_a   85.500
_cell.length_b   103.200
_cell.length_c   161.900
_cell.angle_alpha   90.00
_cell.angle_beta   90.00
_cell.angle_gamma   90.00
#
_symmetry.space_group_name_H-M   'C 2 2 21'
#
loop_
_entity.id
_entity.type
_entity.pdbx_description
1 polymer 'Acyl-CoA oxidase'
2 non-polymer 'FLAVIN-ADENINE DINUCLEOTIDE'
3 non-polymer '(3R)-3-HYDROXYDODECANOIC ACID'
4 water water
#
_entity_poly.entity_id   1
_entity_poly.type   'polypeptide(L)'
_entity_poly.pdbx_seq_one_letter_code
;MNPDLRKERASATFNPELITHILDGSPENTRRRREIENLILNDPDFQHEDYNFLTRSQRYEVAVKKSATMVKKMREYGIS
DPEEIMWFKNSVHRGHPEPLDLHLGMFLPTLLHQATAEQQERFFMPAWNLEITGTYAQTEMGHGTHLRGLETTATYDPKT
QEFILNSPTVTSIKWWPGGLGKTSNHAIVLAQLITQGECYGLHAFVVPIREIGTHKPLPGITVGDIGPKFGYEEMDNGYL
KMDNYRIPRENMLMKYAQVKPDGTYVKPLSNKLTYGTMVFVRSFLVGNAAQSLSKACTIAIRYSAVRRQSEIKQSEPEPQ
ILDFQTQQYKLFPLLATAYAFHFVGRYMKETYLRINESIGQGDLSELPELHALTAGLKAFTTWTANAGIEECRMACGGHG
YSHSSGIPNIYVTFTPACTFEGENTVMMLQTARFLMKIYDQVRSGKLVGGMVSYLNDLPSQRIQPQQVAVWPTMVDINSL
EGLTEAYKLRAARLVEIAAKNLQTHVSHRKSKEVAWNLTSVDLVRASEAHCHYVVVKVFSDKLPKIQDKAVQAVLRNLCL
LYSLYGISQKGGDFLEGSIITGAQLSQVNARILELLTLIRPNAVALVDAFDFKDMTLGSVLGRYDGNVYENLFEWAKKSP
LNKTEVHESYHKHLKPLQSKL
;
_entity_poly.pdbx_strand_id   A
#
# COMPACT_ATOMS: atom_id res chain seq x y z
N MET A 1 -1.67 30.58 14.26
CA MET A 1 -1.35 29.19 14.68
C MET A 1 -1.75 28.95 16.13
N ASN A 2 -2.35 27.79 16.38
CA ASN A 2 -2.77 27.42 17.72
C ASN A 2 -1.53 27.50 18.63
N PRO A 3 -1.64 28.20 19.77
CA PRO A 3 -0.51 28.34 20.69
C PRO A 3 -0.01 26.98 21.19
N ASP A 4 -0.92 26.02 21.29
CA ASP A 4 -0.56 24.69 21.74
C ASP A 4 0.29 23.97 20.71
N LEU A 5 0.06 24.29 19.44
CA LEU A 5 0.83 23.66 18.38
C LEU A 5 2.14 24.43 18.22
N ARG A 6 2.13 25.71 18.55
CA ARG A 6 3.33 26.52 18.44
C ARG A 6 4.36 26.13 19.50
N LYS A 7 3.90 25.84 20.70
CA LYS A 7 4.82 25.48 21.78
C LYS A 7 5.48 24.13 21.52
N GLU A 8 4.77 23.23 20.85
CA GLU A 8 5.31 21.92 20.53
C GLU A 8 6.42 22.07 19.48
N ARG A 9 6.18 22.94 18.49
CA ARG A 9 7.16 23.16 17.45
C ARG A 9 8.38 23.91 17.98
N ALA A 10 8.17 24.72 19.01
CA ALA A 10 9.26 25.48 19.61
C ALA A 10 10.18 24.56 20.43
N SER A 11 9.61 23.52 21.03
CA SER A 11 10.41 22.59 21.83
C SER A 11 11.23 21.61 21.01
N ALA A 12 10.99 21.53 19.70
CA ALA A 12 11.72 20.59 18.84
C ALA A 12 13.23 20.83 18.90
N THR A 13 13.99 19.73 18.90
CA THR A 13 15.45 19.80 18.97
C THR A 13 16.13 19.62 17.62
N PHE A 14 15.35 19.62 16.54
CA PHE A 14 15.92 19.44 15.20
C PHE A 14 15.13 20.25 14.19
N ASN A 15 15.68 20.36 12.98
CA ASN A 15 15.02 21.10 11.91
C ASN A 15 14.29 20.12 11.00
N PRO A 16 12.95 20.03 11.13
CA PRO A 16 12.17 19.11 10.30
C PRO A 16 12.42 19.21 8.80
N GLU A 17 12.76 20.40 8.32
CA GLU A 17 13.03 20.60 6.90
C GLU A 17 14.09 19.60 6.43
N LEU A 18 15.08 19.34 7.29
CA LEU A 18 16.15 18.41 6.95
C LEU A 18 15.64 16.98 6.78
N ILE A 19 14.62 16.61 7.55
CA ILE A 19 14.05 15.27 7.42
C ILE A 19 13.26 15.23 6.12
N THR A 20 12.56 16.32 5.80
CA THR A 20 11.80 16.36 4.56
C THR A 20 12.75 16.10 3.39
N HIS A 21 13.92 16.73 3.41
CA HIS A 21 14.89 16.54 2.33
C HIS A 21 15.27 15.07 2.20
N ILE A 22 15.47 14.41 3.34
CA ILE A 22 15.83 13.00 3.34
C ILE A 22 14.71 12.18 2.71
N LEU A 23 13.47 12.40 3.17
CA LEU A 23 12.34 11.65 2.65
C LEU A 23 12.16 11.80 1.15
N ASP A 24 12.36 13.01 0.63
CA ASP A 24 12.22 13.25 -0.81
C ASP A 24 13.43 12.77 -1.59
N GLY A 25 14.54 12.53 -0.89
CA GLY A 25 15.73 12.06 -1.56
C GLY A 25 16.76 13.15 -1.76
N SER A 26 16.33 14.40 -1.62
CA SER A 26 17.22 15.55 -1.79
C SER A 26 16.46 16.85 -1.65
N PRO A 27 17.17 17.95 -1.34
CA PRO A 27 16.54 19.27 -1.20
C PRO A 27 15.85 19.70 -2.49
N GLU A 28 16.44 19.34 -3.63
CA GLU A 28 15.85 19.70 -4.91
C GLU A 28 14.55 18.95 -5.18
N ASN A 29 14.47 17.71 -4.70
CA ASN A 29 13.26 16.93 -4.89
C ASN A 29 12.14 17.56 -4.04
N THR A 30 12.49 17.95 -2.82
CA THR A 30 11.51 18.59 -1.94
C THR A 30 10.97 19.84 -2.66
N ARG A 31 11.88 20.65 -3.20
CA ARG A 31 11.52 21.86 -3.90
C ARG A 31 10.63 21.57 -5.11
N ARG A 32 10.99 20.55 -5.88
CA ARG A 32 10.23 20.17 -7.06
C ARG A 32 8.84 19.66 -6.67
N ARG A 33 8.76 18.84 -5.64
CA ARG A 33 7.47 18.32 -5.19
C ARG A 33 6.55 19.44 -4.71
N ARG A 34 7.07 20.30 -3.83
CA ARG A 34 6.29 21.40 -3.30
C ARG A 34 5.79 22.32 -4.41
N GLU A 35 6.61 22.51 -5.44
CA GLU A 35 6.23 23.36 -6.56
C GLU A 35 5.13 22.72 -7.41
N ILE A 36 5.21 21.40 -7.60
CA ILE A 36 4.20 20.71 -8.39
C ILE A 36 2.88 20.73 -7.59
N GLU A 37 2.99 20.55 -6.28
CA GLU A 37 1.80 20.59 -5.42
C GLU A 37 1.15 21.96 -5.50
N ASN A 38 1.97 23.01 -5.49
CA ASN A 38 1.47 24.38 -5.58
C ASN A 38 0.79 24.61 -6.93
N LEU A 39 1.37 24.01 -7.97
CA LEU A 39 0.87 24.12 -9.33
C LEU A 39 -0.56 23.59 -9.45
N ILE A 40 -0.85 22.50 -8.74
CA ILE A 40 -2.16 21.89 -8.75
C ILE A 40 -3.13 22.59 -7.81
N LEU A 41 -2.66 22.88 -6.61
CA LEU A 41 -3.46 23.54 -5.59
C LEU A 41 -4.13 24.81 -6.09
N ASN A 42 -3.38 25.64 -6.81
CA ASN A 42 -3.94 26.89 -7.29
C ASN A 42 -4.55 26.86 -8.68
N ASP A 43 -4.80 25.66 -9.19
CA ASP A 43 -5.42 25.48 -10.50
C ASP A 43 -6.92 25.24 -10.31
N PRO A 44 -7.78 26.14 -10.79
CA PRO A 44 -9.22 25.96 -10.63
C PRO A 44 -9.76 24.66 -11.22
N ASP A 45 -9.12 24.18 -12.28
CA ASP A 45 -9.53 22.96 -12.95
C ASP A 45 -9.51 21.72 -12.07
N PHE A 46 -8.75 21.77 -10.98
CA PHE A 46 -8.66 20.62 -10.09
C PHE A 46 -9.36 20.80 -8.75
N GLN A 47 -10.08 21.90 -8.58
CA GLN A 47 -10.77 22.14 -7.33
C GLN A 47 -12.24 21.74 -7.40
N HIS A 48 -12.80 21.37 -6.25
CA HIS A 48 -14.19 20.96 -6.16
C HIS A 48 -14.61 20.75 -4.72
N GLU A 49 -15.88 20.42 -4.56
CA GLU A 49 -16.49 20.15 -3.25
C GLU A 49 -15.79 18.97 -2.56
N ASP A 50 -15.80 18.97 -1.23
CA ASP A 50 -15.21 17.90 -0.43
C ASP A 50 -15.79 16.56 -0.91
N TYR A 51 -14.95 15.58 -1.19
CA TYR A 51 -15.42 14.26 -1.63
C TYR A 51 -16.48 13.68 -0.69
N ASN A 52 -16.27 13.85 0.61
CA ASN A 52 -17.20 13.32 1.61
C ASN A 52 -18.58 13.96 1.50
N PHE A 53 -18.67 15.10 0.82
CA PHE A 53 -19.95 15.79 0.66
C PHE A 53 -20.65 15.43 -0.65
N LEU A 54 -20.05 14.51 -1.41
CA LEU A 54 -20.62 14.10 -2.70
C LEU A 54 -21.09 12.64 -2.68
N THR A 55 -22.10 12.34 -3.49
CA THR A 55 -22.58 10.96 -3.56
C THR A 55 -21.49 10.18 -4.27
N ARG A 56 -21.57 8.86 -4.21
CA ARG A 56 -20.55 8.06 -4.86
C ARG A 56 -20.48 8.36 -6.36
N SER A 57 -21.65 8.48 -6.98
CA SER A 57 -21.72 8.76 -8.42
C SER A 57 -20.98 10.05 -8.78
N GLN A 58 -21.16 11.07 -7.94
CA GLN A 58 -20.51 12.36 -8.15
C GLN A 58 -19.01 12.28 -7.87
N ARG A 59 -18.63 11.37 -6.99
CA ARG A 59 -17.22 11.20 -6.67
C ARG A 59 -16.51 10.59 -7.87
N TYR A 60 -17.15 9.58 -8.46
CA TYR A 60 -16.58 8.92 -9.63
C TYR A 60 -16.46 9.96 -10.73
N GLU A 61 -17.50 10.76 -10.91
CA GLU A 61 -17.53 11.79 -11.93
C GLU A 61 -16.42 12.83 -11.79
N VAL A 62 -16.27 13.42 -10.60
CA VAL A 62 -15.22 14.40 -10.41
C VAL A 62 -13.86 13.73 -10.63
N ALA A 63 -13.78 12.47 -10.26
CA ALA A 63 -12.55 11.70 -10.43
C ALA A 63 -12.21 11.61 -11.92
N VAL A 64 -13.22 11.24 -12.72
CA VAL A 64 -13.04 11.11 -14.16
C VAL A 64 -12.63 12.47 -14.73
N LYS A 65 -13.32 13.51 -14.29
CA LYS A 65 -13.03 14.86 -14.75
C LYS A 65 -11.56 15.23 -14.49
N LYS A 66 -11.13 15.06 -13.24
CA LYS A 66 -9.76 15.41 -12.88
C LYS A 66 -8.71 14.53 -13.57
N SER A 67 -9.02 13.24 -13.73
CA SER A 67 -8.08 12.34 -14.39
C SER A 67 -7.87 12.71 -15.85
N ALA A 68 -8.96 13.03 -16.54
CA ALA A 68 -8.86 13.40 -17.95
C ALA A 68 -8.03 14.68 -18.10
N THR A 69 -8.31 15.63 -17.22
CA THR A 69 -7.61 16.92 -17.21
C THR A 69 -6.15 16.71 -16.83
N MET A 70 -5.93 15.75 -15.94
CA MET A 70 -4.62 15.38 -15.44
C MET A 70 -3.69 14.97 -16.58
N VAL A 71 -4.20 14.09 -17.45
CA VAL A 71 -3.42 13.60 -18.57
C VAL A 71 -3.10 14.75 -19.52
N LYS A 72 -4.10 15.59 -19.78
CA LYS A 72 -3.93 16.72 -20.69
C LYS A 72 -2.86 17.69 -20.20
N LYS A 73 -2.92 18.07 -18.94
CA LYS A 73 -1.96 19.03 -18.39
C LYS A 73 -0.53 18.51 -18.26
N MET A 74 -0.37 17.26 -17.83
CA MET A 74 0.98 16.72 -17.70
C MET A 74 1.62 16.73 -19.08
N ARG A 75 0.80 16.49 -20.10
CA ARG A 75 1.25 16.49 -21.47
C ARG A 75 1.56 17.93 -21.91
N GLU A 76 0.73 18.88 -21.49
CA GLU A 76 0.96 20.28 -21.83
C GLU A 76 2.20 20.79 -21.10
N TYR A 77 2.36 20.38 -19.84
CA TYR A 77 3.49 20.81 -19.02
C TYR A 77 4.77 20.02 -19.32
N GLY A 78 4.66 19.00 -20.16
CA GLY A 78 5.82 18.20 -20.49
C GLY A 78 6.37 17.44 -19.29
N ILE A 79 5.47 16.93 -18.45
CA ILE A 79 5.88 16.16 -17.27
C ILE A 79 6.01 14.71 -17.69
N SER A 80 7.23 14.19 -17.65
CA SER A 80 7.49 12.81 -18.06
C SER A 80 8.20 11.99 -17.00
N ASP A 81 8.86 12.66 -16.07
CA ASP A 81 9.56 11.95 -15.00
C ASP A 81 8.55 11.18 -14.16
N PRO A 82 8.74 9.86 -14.03
CA PRO A 82 7.82 9.03 -13.24
C PRO A 82 7.58 9.54 -11.82
N GLU A 83 8.62 10.10 -11.23
CA GLU A 83 8.54 10.64 -9.88
C GLU A 83 7.64 11.87 -9.86
N GLU A 84 7.85 12.79 -10.80
CA GLU A 84 7.03 14.00 -10.88
C GLU A 84 5.58 13.61 -11.19
N ILE A 85 5.42 12.63 -12.08
CA ILE A 85 4.11 12.16 -12.47
C ILE A 85 3.35 11.72 -11.21
N MET A 86 4.04 11.03 -10.32
CA MET A 86 3.43 10.55 -9.08
C MET A 86 3.00 11.72 -8.21
N TRP A 87 3.91 12.66 -7.98
CA TRP A 87 3.59 13.85 -7.18
C TRP A 87 2.38 14.52 -7.78
N PHE A 88 2.41 14.74 -9.09
CA PHE A 88 1.31 15.39 -9.80
C PHE A 88 -0.02 14.69 -9.52
N LYS A 89 -0.07 13.39 -9.81
CA LYS A 89 -1.28 12.59 -9.61
C LYS A 89 -1.78 12.63 -8.17
N ASN A 90 -0.86 12.48 -7.21
CA ASN A 90 -1.21 12.51 -5.81
C ASN A 90 -1.89 13.83 -5.45
N SER A 91 -1.29 14.93 -5.88
CA SER A 91 -1.82 16.26 -5.60
C SER A 91 -3.21 16.45 -6.20
N VAL A 92 -3.36 16.08 -7.47
CA VAL A 92 -4.64 16.23 -8.16
C VAL A 92 -5.77 15.45 -7.49
N HIS A 93 -5.47 14.23 -7.04
CA HIS A 93 -6.50 13.39 -6.44
C HIS A 93 -6.58 13.39 -4.93
N ARG A 94 -5.78 14.24 -4.29
CA ARG A 94 -5.80 14.36 -2.83
C ARG A 94 -5.69 13.01 -2.11
N GLY A 95 -4.99 12.06 -2.72
CA GLY A 95 -4.81 10.76 -2.11
C GLY A 95 -5.87 9.73 -2.46
N HIS A 96 -6.95 10.17 -3.10
CA HIS A 96 -8.03 9.26 -3.48
C HIS A 96 -7.74 8.47 -4.74
N PRO A 97 -8.32 7.28 -4.88
CA PRO A 97 -8.12 6.44 -6.07
C PRO A 97 -8.71 7.17 -7.28
N GLU A 98 -8.26 6.81 -8.48
CA GLU A 98 -8.76 7.44 -9.70
C GLU A 98 -8.90 6.43 -10.83
N PRO A 99 -10.00 6.52 -11.60
CA PRO A 99 -10.37 5.65 -12.73
C PRO A 99 -9.42 5.38 -13.90
N LEU A 100 -8.38 6.20 -14.07
CA LEU A 100 -7.43 5.97 -15.16
C LEU A 100 -6.18 5.30 -14.62
N ASP A 101 -6.30 4.80 -13.41
CA ASP A 101 -5.22 4.13 -12.72
C ASP A 101 -4.65 2.98 -13.54
N LEU A 102 -5.50 2.08 -14.02
CA LEU A 102 -5.03 0.94 -14.81
C LEU A 102 -4.71 1.37 -16.26
N HIS A 103 -5.40 2.40 -16.73
CA HIS A 103 -5.16 2.90 -18.08
C HIS A 103 -3.70 3.34 -18.18
N LEU A 104 -3.27 4.13 -17.22
CA LEU A 104 -1.90 4.66 -17.18
C LEU A 104 -0.88 3.70 -16.54
N GLY A 105 -1.32 2.92 -15.57
CA GLY A 105 -0.40 2.01 -14.89
C GLY A 105 -0.20 0.65 -15.53
N MET A 106 -1.19 0.18 -16.29
CA MET A 106 -1.09 -1.13 -16.92
C MET A 106 -1.35 -1.14 -18.42
N PHE A 107 -2.47 -0.56 -18.84
CA PHE A 107 -2.82 -0.56 -20.25
C PHE A 107 -1.70 -0.05 -21.15
N LEU A 108 -1.35 1.22 -21.01
CA LEU A 108 -0.29 1.81 -21.84
C LEU A 108 1.05 1.10 -21.68
N PRO A 109 1.48 0.85 -20.44
CA PRO A 109 2.75 0.16 -20.22
C PRO A 109 2.82 -1.21 -20.88
N THR A 110 1.77 -2.02 -20.71
CA THR A 110 1.74 -3.35 -21.31
C THR A 110 1.88 -3.26 -22.83
N LEU A 111 1.22 -2.28 -23.44
CA LEU A 111 1.30 -2.11 -24.88
C LEU A 111 2.74 -1.81 -25.30
N LEU A 112 3.58 -1.47 -24.32
CA LEU A 112 4.98 -1.18 -24.59
C LEU A 112 5.85 -2.37 -24.21
N GLN A 114 4.66 -5.69 -23.95
CA GLN A 114 4.40 -7.08 -24.28
C GLN A 114 3.67 -7.19 -25.62
N ALA A 115 3.65 -6.09 -26.37
CA ALA A 115 2.98 -6.04 -27.66
C ALA A 115 3.96 -5.94 -28.80
N THR A 116 3.47 -6.14 -30.01
CA THR A 116 4.30 -6.02 -31.20
C THR A 116 4.29 -4.56 -31.59
N ALA A 117 5.03 -4.22 -32.64
CA ALA A 117 5.08 -2.85 -33.11
C ALA A 117 3.70 -2.51 -33.65
N GLU A 118 3.30 -3.23 -34.70
CA GLU A 118 2.00 -3.04 -35.34
C GLU A 118 0.89 -2.71 -34.34
N GLN A 119 0.76 -3.55 -33.31
CA GLN A 119 -0.25 -3.35 -32.28
C GLN A 119 -0.03 -2.03 -31.53
N GLN A 120 1.20 -1.84 -31.09
CA GLN A 120 1.57 -0.64 -30.36
C GLN A 120 1.14 0.63 -31.09
N GLU A 121 1.37 0.68 -32.39
CA GLU A 121 1.00 1.86 -33.17
C GLU A 121 -0.50 1.89 -33.50
N ARG A 122 -1.21 0.85 -33.10
CA ARG A 122 -2.64 0.73 -33.38
C ARG A 122 -3.55 0.96 -32.17
N PHE A 123 -3.02 0.75 -30.97
CA PHE A 123 -3.80 0.93 -29.75
C PHE A 123 -3.16 1.93 -28.79
N PHE A 124 -1.84 2.06 -28.85
CA PHE A 124 -1.13 2.99 -27.97
C PHE A 124 -1.51 4.45 -28.22
N MET A 125 -1.06 5.00 -29.33
CA MET A 125 -1.34 6.39 -29.67
C MET A 125 -2.77 6.81 -29.35
N PRO A 126 -3.77 6.01 -29.77
CA PRO A 126 -5.15 6.39 -29.47
C PRO A 126 -5.40 6.40 -27.97
N ALA A 127 -4.86 5.40 -27.27
CA ALA A 127 -5.02 5.30 -25.82
C ALA A 127 -4.22 6.40 -25.12
N TRP A 128 -3.07 6.73 -25.68
CA TRP A 128 -2.22 7.76 -25.11
C TRP A 128 -2.94 9.11 -25.14
N ASN A 129 -3.64 9.38 -26.22
CA ASN A 129 -4.38 10.64 -26.38
C ASN A 129 -5.75 10.59 -25.73
N LEU A 130 -6.08 9.45 -25.12
CA LEU A 130 -7.37 9.22 -24.48
C LEU A 130 -8.50 9.06 -25.48
N GLU A 131 -8.17 8.85 -26.74
CA GLU A 131 -9.20 8.65 -27.77
C GLU A 131 -9.84 7.32 -27.40
N ILE A 132 -9.05 6.52 -26.68
CA ILE A 132 -9.46 5.22 -26.19
C ILE A 132 -9.12 5.22 -24.70
N THR A 133 -9.92 4.54 -23.90
CA THR A 133 -9.70 4.43 -22.46
C THR A 133 -9.58 2.93 -22.16
N GLY A 134 -8.50 2.54 -21.49
CA GLY A 134 -8.33 1.13 -21.23
C GLY A 134 -8.06 0.70 -19.80
N THR A 135 -8.12 -0.61 -19.59
CA THR A 135 -7.89 -1.21 -18.30
C THR A 135 -7.30 -2.60 -18.51
N TYR A 136 -6.96 -3.28 -17.41
CA TYR A 136 -6.39 -4.62 -17.45
C TYR A 136 -7.29 -5.48 -16.59
N ALA A 137 -7.89 -6.52 -17.19
CA ALA A 137 -8.80 -7.40 -16.46
C ALA A 137 -8.19 -8.76 -16.20
N GLN A 138 -7.76 -8.98 -14.97
CA GLN A 138 -7.14 -10.23 -14.56
C GLN A 138 -8.06 -11.04 -13.65
N THR A 139 -8.29 -10.51 -12.45
CA THR A 139 -9.13 -11.18 -11.47
C THR A 139 -10.52 -11.53 -11.97
N GLU A 140 -11.02 -12.68 -11.52
CA GLU A 140 -12.36 -13.16 -11.85
C GLU A 140 -13.10 -13.37 -10.53
N MET A 141 -14.42 -13.40 -10.57
CA MET A 141 -15.19 -13.58 -9.34
C MET A 141 -14.74 -14.83 -8.59
N GLY A 142 -14.40 -15.88 -9.34
CA GLY A 142 -13.98 -17.11 -8.71
C GLY A 142 -12.51 -17.27 -8.42
N HIS A 143 -11.67 -16.36 -8.94
CA HIS A 143 -10.24 -16.48 -8.70
C HIS A 143 -9.48 -15.16 -8.65
N GLY A 144 -8.71 -14.99 -7.58
CA GLY A 144 -7.90 -13.80 -7.42
C GLY A 144 -6.47 -14.25 -7.18
N THR A 145 -6.28 -15.09 -6.16
CA THR A 145 -4.97 -15.60 -5.83
C THR A 145 -4.46 -16.68 -6.80
N HIS A 146 -5.29 -17.68 -7.07
CA HIS A 146 -4.88 -18.77 -7.96
C HIS A 146 -5.20 -18.49 -9.43
N LEU A 147 -4.24 -17.87 -10.12
CA LEU A 147 -4.40 -17.52 -11.53
C LEU A 147 -4.58 -18.70 -12.47
N ARG A 148 -3.98 -19.84 -12.12
CA ARG A 148 -4.09 -21.05 -12.93
C ARG A 148 -5.56 -21.43 -13.08
N GLY A 149 -6.37 -21.10 -12.08
CA GLY A 149 -7.77 -21.43 -12.10
C GLY A 149 -8.68 -20.50 -12.87
N LEU A 150 -8.13 -19.45 -13.46
CA LEU A 150 -8.94 -18.51 -14.23
C LEU A 150 -9.72 -19.28 -15.29
N GLU A 151 -10.99 -18.93 -15.45
CA GLU A 151 -11.87 -19.62 -16.40
C GLU A 151 -12.09 -18.96 -17.76
N THR A 152 -11.80 -17.67 -17.87
CA THR A 152 -11.99 -16.99 -19.16
C THR A 152 -11.14 -17.69 -20.22
N THR A 153 -11.75 -17.98 -21.36
CA THR A 153 -11.02 -18.64 -22.44
C THR A 153 -10.95 -17.77 -23.68
N ALA A 154 -9.91 -18.02 -24.47
CA ALA A 154 -9.68 -17.33 -25.72
C ALA A 154 -9.43 -18.46 -26.70
N THR A 155 -10.46 -18.83 -27.46
CA THR A 155 -10.35 -19.93 -28.41
C THR A 155 -10.17 -19.45 -29.84
N TYR A 156 -9.08 -19.88 -30.46
CA TYR A 156 -8.79 -19.46 -31.82
C TYR A 156 -9.70 -20.11 -32.84
N ASP A 157 -10.15 -19.32 -33.81
CA ASP A 157 -10.99 -19.82 -34.86
C ASP A 157 -10.16 -19.68 -36.14
N PRO A 158 -9.60 -20.79 -36.63
CA PRO A 158 -8.78 -20.79 -37.84
C PRO A 158 -9.52 -20.39 -39.11
N LYS A 159 -10.84 -20.54 -39.10
CA LYS A 159 -11.64 -20.19 -40.27
C LYS A 159 -11.75 -18.68 -40.49
N THR A 160 -11.84 -17.92 -39.40
CA THR A 160 -11.96 -16.47 -39.51
C THR A 160 -10.74 -15.76 -38.94
N GLN A 161 -9.77 -16.53 -38.47
CA GLN A 161 -8.56 -15.94 -37.90
C GLN A 161 -8.92 -14.92 -36.81
N GLU A 162 -9.70 -15.39 -35.84
CA GLU A 162 -10.14 -14.56 -34.72
C GLU A 162 -10.03 -15.37 -33.43
N PHE A 163 -10.00 -14.68 -32.30
CA PHE A 163 -9.99 -15.35 -31.01
C PHE A 163 -11.40 -15.16 -30.47
N ILE A 164 -11.94 -16.21 -29.85
CA ILE A 164 -13.28 -16.16 -29.28
C ILE A 164 -13.14 -16.08 -27.77
N LEU A 165 -13.41 -14.90 -27.22
CA LEU A 165 -13.32 -14.68 -25.77
C LEU A 165 -14.62 -15.10 -25.12
N ASN A 166 -14.53 -15.92 -24.08
CA ASN A 166 -15.74 -16.39 -23.44
C ASN A 166 -15.68 -16.55 -21.92
N SER A 167 -16.79 -16.22 -21.26
CA SER A 167 -16.93 -16.34 -19.81
C SER A 167 -17.99 -17.44 -19.65
N PRO A 168 -17.56 -18.69 -19.58
CA PRO A 168 -18.46 -19.85 -19.46
C PRO A 168 -19.33 -19.94 -18.20
N THR A 169 -18.86 -19.34 -17.10
CA THR A 169 -19.60 -19.39 -15.84
C THR A 169 -19.73 -18.05 -15.13
N VAL A 170 -20.53 -17.99 -14.08
CA VAL A 170 -20.70 -16.75 -13.34
C VAL A 170 -19.38 -16.41 -12.65
N THR A 171 -18.67 -17.44 -12.21
CA THR A 171 -17.39 -17.24 -11.54
C THR A 171 -16.30 -16.77 -12.49
N SER A 172 -16.45 -17.05 -13.77
CA SER A 172 -15.44 -16.67 -14.78
C SER A 172 -15.47 -15.18 -15.09
N ILE A 173 -16.55 -14.51 -14.71
CA ILE A 173 -16.70 -13.09 -14.96
C ILE A 173 -15.54 -12.32 -14.33
N LYS A 174 -14.90 -11.44 -15.10
CA LYS A 174 -13.80 -10.64 -14.57
C LYS A 174 -14.45 -9.81 -13.47
N TRP A 175 -13.70 -9.58 -12.39
CA TRP A 175 -14.25 -8.85 -11.26
C TRP A 175 -13.19 -8.06 -10.49
N TRP A 176 -13.45 -6.77 -10.27
CA TRP A 176 -12.55 -5.85 -9.55
C TRP A 176 -11.72 -4.84 -10.35
N PRO A 177 -11.32 -5.18 -11.59
CA PRO A 177 -10.50 -4.24 -12.38
C PRO A 177 -10.94 -2.77 -12.35
N GLY A 178 -10.06 -1.91 -11.86
CA GLY A 178 -10.35 -0.49 -11.80
C GLY A 178 -10.47 0.09 -13.19
N GLY A 179 -11.45 0.97 -13.38
CA GLY A 179 -11.67 1.57 -14.68
C GLY A 179 -12.44 0.69 -15.65
N LEU A 180 -12.73 -0.54 -15.24
CA LEU A 180 -13.45 -1.48 -16.09
C LEU A 180 -14.96 -1.23 -16.07
N GLY A 181 -15.47 -0.79 -14.93
CA GLY A 181 -16.89 -0.53 -14.79
C GLY A 181 -17.58 0.38 -15.79
N LYS A 182 -17.15 1.62 -15.87
CA LYS A 182 -17.79 2.58 -16.77
C LYS A 182 -16.81 3.43 -17.56
N THR A 183 -15.54 3.44 -17.15
CA THR A 183 -14.54 4.27 -17.79
C THR A 183 -13.95 3.86 -19.14
N SER A 184 -13.47 2.63 -19.23
CA SER A 184 -12.82 2.19 -20.47
C SER A 184 -13.65 1.53 -21.57
N ASN A 185 -13.24 1.77 -22.82
CA ASN A 185 -13.92 1.16 -23.94
C ASN A 185 -13.05 0.00 -24.46
N HIS A 186 -11.88 -0.18 -23.84
CA HIS A 186 -10.98 -1.26 -24.18
C HIS A 186 -10.41 -1.91 -22.92
N ALA A 187 -10.18 -3.22 -22.99
CA ALA A 187 -9.63 -3.95 -21.87
C ALA A 187 -8.66 -5.04 -22.32
N ILE A 188 -7.50 -5.12 -21.66
CA ILE A 188 -6.57 -6.19 -21.98
C ILE A 188 -7.03 -7.30 -21.02
N VAL A 189 -7.53 -8.38 -21.59
CA VAL A 189 -8.05 -9.49 -20.82
C VAL A 189 -7.10 -10.68 -20.74
N LEU A 190 -6.88 -11.19 -19.53
CA LEU A 190 -6.01 -12.36 -19.34
C LEU A 190 -6.94 -13.56 -19.47
N ALA A 191 -6.64 -14.43 -20.43
CA ALA A 191 -7.48 -15.59 -20.66
C ALA A 191 -6.69 -16.85 -21.00
N GLN A 192 -7.33 -18.01 -20.83
CA GLN A 192 -6.70 -19.29 -21.14
C GLN A 192 -6.77 -19.46 -22.65
N LEU A 193 -5.61 -19.43 -23.30
CA LEU A 193 -5.53 -19.57 -24.76
C LEU A 193 -5.71 -21.01 -25.23
N ILE A 194 -6.69 -21.22 -26.09
CA ILE A 194 -6.98 -22.54 -26.62
C ILE A 194 -6.95 -22.47 -28.14
N THR A 195 -6.11 -23.31 -28.74
CA THR A 195 -5.97 -23.37 -30.18
C THR A 195 -5.54 -24.78 -30.57
N GLN A 196 -6.06 -25.27 -31.69
CA GLN A 196 -5.77 -26.61 -32.17
C GLN A 196 -6.08 -27.67 -31.12
N GLY A 197 -7.19 -27.47 -30.41
CA GLY A 197 -7.62 -28.41 -29.40
C GLY A 197 -6.76 -28.52 -28.15
N GLU A 198 -5.88 -27.54 -27.94
CA GLU A 198 -5.02 -27.59 -26.77
C GLU A 198 -4.99 -26.23 -26.04
N CYS A 199 -4.84 -26.29 -24.72
CA CYS A 199 -4.77 -25.07 -23.91
C CYS A 199 -3.31 -24.78 -23.61
N TYR A 200 -2.90 -23.53 -23.77
CA TYR A 200 -1.51 -23.16 -23.51
C TYR A 200 -1.30 -22.18 -22.36
N GLY A 201 -2.30 -22.05 -21.51
CA GLY A 201 -2.16 -21.15 -20.37
C GLY A 201 -2.61 -19.73 -20.61
N LEU A 202 -2.37 -18.89 -19.60
CA LEU A 202 -2.76 -17.48 -19.64
C LEU A 202 -2.00 -16.62 -20.62
N HIS A 203 -2.75 -15.83 -21.40
CA HIS A 203 -2.20 -14.93 -22.39
C HIS A 203 -3.03 -13.65 -22.40
N ALA A 204 -2.46 -12.56 -22.89
CA ALA A 204 -3.17 -11.28 -22.90
C ALA A 204 -3.77 -10.90 -24.26
N PHE A 205 -5.01 -10.41 -24.23
CA PHE A 205 -5.73 -10.02 -25.43
C PHE A 205 -6.37 -8.63 -25.32
N VAL A 206 -6.19 -7.80 -26.34
CA VAL A 206 -6.78 -6.47 -26.36
C VAL A 206 -8.23 -6.67 -26.79
N VAL A 207 -9.17 -6.37 -25.88
CA VAL A 207 -10.59 -6.57 -26.16
C VAL A 207 -11.41 -5.28 -26.18
N PRO A 208 -11.90 -4.86 -27.36
CA PRO A 208 -12.71 -3.65 -27.41
C PRO A 208 -13.97 -4.01 -26.67
N ILE A 209 -14.46 -3.15 -25.77
CA ILE A 209 -15.67 -3.50 -25.03
C ILE A 209 -16.83 -2.53 -25.13
N ARG A 210 -16.55 -1.27 -25.47
CA ARG A 210 -17.60 -0.28 -25.61
C ARG A 210 -17.45 0.42 -26.95
N GLU A 211 -18.58 0.79 -27.54
CA GLU A 211 -18.59 1.46 -28.83
C GLU A 211 -18.02 2.86 -28.73
N ILE A 212 -17.26 3.27 -29.74
CA ILE A 212 -16.68 4.60 -29.76
C ILE A 212 -17.82 5.58 -29.99
N GLY A 213 -17.74 6.76 -29.37
CA GLY A 213 -18.78 7.76 -29.54
C GLY A 213 -19.98 7.61 -28.62
N THR A 214 -20.52 6.42 -28.52
CA THR A 214 -21.68 6.18 -27.66
C THR A 214 -21.29 5.54 -26.33
N HIS A 215 -20.13 4.87 -26.32
CA HIS A 215 -19.63 4.19 -25.13
C HIS A 215 -20.56 3.04 -24.75
N LYS A 216 -21.44 2.66 -25.68
CA LYS A 216 -22.37 1.58 -25.45
C LYS A 216 -21.67 0.23 -25.49
N PRO A 217 -22.03 -0.68 -24.56
CA PRO A 217 -21.42 -2.01 -24.54
C PRO A 217 -21.62 -2.70 -25.88
N LEU A 218 -20.53 -3.20 -26.45
CA LEU A 218 -20.60 -3.87 -27.73
C LEU A 218 -21.33 -5.21 -27.62
N PRO A 219 -21.92 -5.69 -28.73
CA PRO A 219 -22.65 -6.95 -28.75
C PRO A 219 -21.84 -8.11 -28.19
N GLY A 220 -22.40 -8.82 -27.22
CA GLY A 220 -21.71 -9.93 -26.61
C GLY A 220 -20.94 -9.51 -25.38
N ILE A 221 -21.05 -8.24 -25.02
CA ILE A 221 -20.37 -7.68 -23.86
C ILE A 221 -21.34 -7.22 -22.77
N THR A 222 -21.13 -7.71 -21.55
CA THR A 222 -21.93 -7.31 -20.40
C THR A 222 -20.87 -6.74 -19.45
N VAL A 223 -20.98 -5.47 -19.13
CA VAL A 223 -20.01 -4.80 -18.28
C VAL A 223 -20.69 -3.80 -17.34
N GLY A 224 -20.05 -3.52 -16.21
CA GLY A 224 -20.61 -2.59 -15.25
C GLY A 224 -19.81 -2.51 -13.96
N ASP A 225 -20.27 -1.66 -13.05
CA ASP A 225 -19.62 -1.44 -11.76
C ASP A 225 -19.97 -2.60 -10.82
N ILE A 226 -19.05 -2.96 -9.94
CA ILE A 226 -19.31 -4.07 -9.03
C ILE A 226 -20.06 -3.67 -7.77
N GLY A 227 -20.40 -2.39 -7.65
CA GLY A 227 -21.15 -1.94 -6.49
C GLY A 227 -20.32 -1.21 -5.45
N PRO A 228 -20.98 -0.65 -4.42
CA PRO A 228 -20.28 0.08 -3.36
C PRO A 228 -19.37 -0.80 -2.53
N LYS A 229 -18.29 -0.22 -2.04
CA LYS A 229 -17.30 -0.95 -1.24
C LYS A 229 -16.97 -0.18 0.03
N PHE A 230 -16.13 -0.78 0.87
CA PHE A 230 -15.71 -0.18 2.13
C PHE A 230 -15.17 1.21 1.82
N GLY A 231 -14.48 1.32 0.69
CA GLY A 231 -13.92 2.58 0.25
C GLY A 231 -13.90 2.60 -1.25
N TYR A 232 -12.91 3.25 -1.85
CA TYR A 232 -12.78 3.31 -3.30
C TYR A 232 -14.05 3.82 -4.00
N GLU A 233 -14.68 4.83 -3.41
CA GLU A 233 -15.89 5.40 -3.98
C GLU A 233 -15.67 5.92 -5.40
N GLU A 234 -14.57 6.62 -5.64
CA GLU A 234 -14.32 7.18 -6.96
C GLU A 234 -13.77 6.22 -8.01
N MET A 235 -13.63 4.95 -7.65
CA MET A 235 -13.11 3.94 -8.57
C MET A 235 -14.23 3.06 -9.08
N ASP A 236 -14.37 2.95 -10.40
CA ASP A 236 -15.40 2.11 -10.97
C ASP A 236 -14.90 0.68 -11.15
N ASN A 237 -14.54 0.03 -10.04
CA ASN A 237 -14.09 -1.36 -10.11
C ASN A 237 -15.21 -2.08 -10.84
N GLY A 238 -14.88 -2.89 -11.84
CA GLY A 238 -15.95 -3.53 -12.59
C GLY A 238 -15.90 -5.00 -12.87
N TYR A 239 -16.93 -5.45 -13.58
CA TYR A 239 -17.08 -6.83 -13.99
C TYR A 239 -17.19 -6.84 -15.51
N LEU A 240 -16.80 -7.96 -16.12
CA LEU A 240 -16.86 -8.08 -17.56
C LEU A 240 -17.17 -9.51 -17.94
N LYS A 241 -18.31 -9.70 -18.62
CA LYS A 241 -18.73 -11.01 -19.07
C LYS A 241 -18.73 -10.99 -20.59
N MET A 242 -18.08 -11.97 -21.19
CA MET A 242 -18.00 -12.05 -22.64
C MET A 242 -18.71 -13.30 -23.15
N ASP A 243 -19.64 -13.09 -24.08
CA ASP A 243 -20.41 -14.18 -24.67
C ASP A 243 -19.76 -14.53 -26.02
N ASN A 244 -18.80 -15.46 -26.00
CA ASN A 244 -18.10 -15.85 -27.22
C ASN A 244 -17.90 -14.64 -28.12
N TYR A 245 -17.22 -13.66 -27.57
CA TYR A 245 -16.95 -12.38 -28.24
C TYR A 245 -15.70 -12.50 -29.10
N ARG A 246 -15.84 -12.20 -30.37
CA ARG A 246 -14.74 -12.31 -31.33
C ARG A 246 -13.87 -11.07 -31.50
N ILE A 247 -12.57 -11.32 -31.61
CA ILE A 247 -11.58 -10.27 -31.82
C ILE A 247 -10.56 -10.81 -32.81
N PRO A 248 -9.86 -9.92 -33.51
CA PRO A 248 -8.85 -10.37 -34.49
C PRO A 248 -7.72 -11.15 -33.83
N ARG A 249 -7.05 -11.99 -34.60
CA ARG A 249 -5.93 -12.77 -34.08
C ARG A 249 -4.88 -11.78 -33.62
N GLU A 250 -4.74 -10.70 -34.39
CA GLU A 250 -3.78 -9.64 -34.13
C GLU A 250 -4.03 -8.84 -32.85
N ASN A 251 -5.03 -9.24 -32.07
CA ASN A 251 -5.34 -8.54 -30.82
C ASN A 251 -4.67 -9.24 -29.64
N MET A 252 -4.04 -10.37 -29.92
CA MET A 252 -3.33 -11.11 -28.90
C MET A 252 -1.96 -10.45 -28.74
N LEU A 253 -1.56 -10.12 -27.52
CA LEU A 253 -0.25 -9.51 -27.32
C LEU A 253 0.76 -10.60 -27.64
N MET A 254 1.49 -10.43 -28.73
CA MET A 254 2.44 -11.45 -29.19
C MET A 254 3.92 -11.14 -29.12
N LYS A 255 4.37 -10.38 -28.14
CA LYS A 255 5.79 -10.08 -28.05
C LYS A 255 6.54 -11.34 -27.64
N TYR A 256 6.02 -12.03 -26.63
CA TYR A 256 6.66 -13.25 -26.13
C TYR A 256 6.19 -14.52 -26.82
N ALA A 257 4.89 -14.72 -26.91
CA ALA A 257 4.34 -15.90 -27.56
C ALA A 257 3.43 -15.47 -28.70
N GLN A 258 3.27 -16.33 -29.69
CA GLN A 258 2.41 -16.02 -30.83
C GLN A 258 1.51 -17.18 -31.23
N VAL A 259 0.58 -16.88 -32.11
CA VAL A 259 -0.33 -17.88 -32.66
C VAL A 259 -0.37 -17.54 -34.14
N LYS A 260 0.01 -18.50 -34.97
CA LYS A 260 0.04 -18.30 -36.41
C LYS A 260 -1.36 -18.28 -36.99
N PRO A 261 -1.51 -17.75 -38.22
CA PRO A 261 -2.82 -17.67 -38.87
C PRO A 261 -3.49 -19.04 -38.90
N ASP A 262 -2.70 -20.08 -39.10
CA ASP A 262 -3.24 -21.44 -39.14
C ASP A 262 -3.55 -21.97 -37.75
N GLY A 263 -3.32 -21.14 -36.73
CA GLY A 263 -3.62 -21.54 -35.36
C GLY A 263 -2.49 -22.18 -34.57
N THR A 264 -1.32 -22.30 -35.16
CA THR A 264 -0.18 -22.91 -34.49
C THR A 264 0.34 -22.01 -33.36
N TYR A 265 0.43 -22.55 -32.15
CA TYR A 265 0.94 -21.79 -31.01
C TYR A 265 2.46 -21.83 -31.10
N VAL A 266 3.13 -20.72 -30.79
CA VAL A 266 4.57 -20.69 -30.86
C VAL A 266 5.28 -20.00 -29.71
N LYS A 267 6.51 -20.47 -29.43
CA LYS A 267 7.36 -19.89 -28.39
C LYS A 267 6.68 -20.04 -27.03
N PRO A 268 7.10 -19.25 -26.02
CA PRO A 268 8.12 -18.20 -25.96
C PRO A 268 9.53 -18.72 -26.27
N LEU A 269 10.33 -17.86 -26.88
CA LEU A 269 11.69 -18.19 -27.25
C LEU A 269 12.66 -17.85 -26.12
N MET A 278 4.98 -7.98 -8.67
CA MET A 278 6.39 -7.81 -8.96
C MET A 278 7.08 -7.03 -7.85
N VAL A 279 8.41 -7.02 -7.89
CA VAL A 279 9.20 -6.31 -6.88
C VAL A 279 8.92 -4.81 -6.90
N PHE A 280 8.69 -4.26 -8.09
CA PHE A 280 8.44 -2.83 -8.22
C PHE A 280 7.14 -2.40 -7.54
N VAL A 281 6.04 -3.08 -7.85
CA VAL A 281 4.76 -2.73 -7.25
C VAL A 281 4.77 -2.97 -5.74
N ARG A 282 5.61 -3.90 -5.30
CA ARG A 282 5.71 -4.20 -3.88
C ARG A 282 6.46 -3.10 -3.16
N SER A 283 7.54 -2.62 -3.76
CA SER A 283 8.33 -1.55 -3.18
C SER A 283 7.42 -0.35 -3.00
N PHE A 284 6.57 -0.10 -4.00
CA PHE A 284 5.64 1.01 -3.93
C PHE A 284 4.63 0.82 -2.81
N LEU A 285 4.16 -0.41 -2.63
CA LEU A 285 3.19 -0.67 -1.59
C LEU A 285 3.81 -0.50 -0.21
N VAL A 286 5.10 -0.77 -0.07
CA VAL A 286 5.76 -0.58 1.21
C VAL A 286 5.80 0.92 1.47
N GLY A 287 6.04 1.71 0.43
CA GLY A 287 6.07 3.15 0.57
C GLY A 287 4.68 3.69 0.88
N ASN A 288 3.68 3.10 0.23
CA ASN A 288 2.28 3.47 0.42
C ASN A 288 1.88 3.21 1.87
N ALA A 289 2.33 2.08 2.41
CA ALA A 289 2.03 1.73 3.80
C ALA A 289 2.66 2.76 4.73
N ALA A 290 3.92 3.09 4.46
CA ALA A 290 4.64 4.08 5.27
C ALA A 290 3.94 5.43 5.21
N GLN A 291 3.57 5.85 4.01
CA GLN A 291 2.92 7.14 3.81
C GLN A 291 1.54 7.25 4.44
N SER A 292 0.71 6.24 4.28
CA SER A 292 -0.63 6.28 4.86
C SER A 292 -0.54 6.28 6.38
N LEU A 293 0.34 5.44 6.93
CA LEU A 293 0.52 5.41 8.38
C LEU A 293 1.03 6.77 8.86
N SER A 294 1.89 7.40 8.08
CA SER A 294 2.43 8.69 8.48
C SER A 294 1.35 9.78 8.44
N LYS A 295 0.44 9.70 7.47
CA LYS A 295 -0.65 10.67 7.39
C LYS A 295 -1.51 10.52 8.65
N ALA A 296 -1.79 9.28 9.00
CA ALA A 296 -2.62 8.98 10.17
C ALA A 296 -1.96 9.48 11.44
N CYS A 297 -0.66 9.26 11.54
CA CYS A 297 0.12 9.69 12.70
C CYS A 297 0.15 11.21 12.76
N THR A 298 0.27 11.85 11.61
CA THR A 298 0.33 13.30 11.57
C THR A 298 -0.94 13.89 12.17
N ILE A 299 -2.07 13.35 11.74
CA ILE A 299 -3.35 13.83 12.22
C ILE A 299 -3.56 13.62 13.71
N ALA A 300 -3.32 12.40 14.18
CA ALA A 300 -3.52 12.08 15.59
C ALA A 300 -2.58 12.79 16.55
N ILE A 301 -1.34 13.01 16.15
CA ILE A 301 -0.38 13.68 17.01
C ILE A 301 -0.64 15.17 17.07
N ARG A 302 -0.95 15.79 15.95
CA ARG A 302 -1.26 17.21 15.97
C ARG A 302 -2.52 17.40 16.81
N TYR A 303 -3.54 16.59 16.54
CA TYR A 303 -4.79 16.70 17.29
C TYR A 303 -4.56 16.48 18.78
N SER A 304 -3.70 15.52 19.11
CA SER A 304 -3.40 15.25 20.52
C SER A 304 -2.76 16.45 21.21
N ALA A 305 -2.06 17.26 20.43
CA ALA A 305 -1.39 18.45 20.97
C ALA A 305 -2.36 19.60 21.12
N VAL A 306 -3.45 19.55 20.37
CA VAL A 306 -4.48 20.58 20.41
C VAL A 306 -5.58 20.23 21.41
N ARG A 307 -5.92 18.94 21.46
CA ARG A 307 -6.97 18.46 22.35
C ARG A 307 -6.59 18.44 23.83
N ARG A 308 -7.34 19.17 24.62
CA ARG A 308 -7.11 19.21 26.07
C ARG A 308 -8.32 18.51 26.66
N GLN A 309 -8.10 17.62 27.61
CA GLN A 309 -9.20 16.90 28.22
C GLN A 309 -8.78 16.23 29.53
N SER A 310 -9.74 16.07 30.42
CA SER A 310 -9.51 15.42 31.69
C SER A 310 -8.42 16.13 32.48
N GLU A 311 -7.70 15.37 33.30
CA GLU A 311 -6.67 15.99 34.11
C GLU A 311 -5.61 15.03 34.58
N ILE A 312 -4.51 15.60 35.05
CA ILE A 312 -3.42 14.84 35.64
C ILE A 312 -3.52 15.40 37.05
N LYS A 313 -3.03 16.62 37.28
CA LYS A 313 -3.17 17.22 38.61
C LYS A 313 -4.51 17.95 38.65
N GLN A 314 -5.36 17.56 39.60
CA GLN A 314 -6.68 18.17 39.75
C GLN A 314 -6.59 19.69 39.84
N SER A 315 -5.51 20.18 40.44
CA SER A 315 -5.30 21.62 40.63
C SER A 315 -4.78 22.30 39.35
N GLU A 316 -4.61 21.52 38.29
CA GLU A 316 -4.10 22.05 37.04
C GLU A 316 -5.19 22.05 35.98
N PRO A 317 -5.05 22.90 34.95
CA PRO A 317 -6.09 22.90 33.91
C PRO A 317 -5.97 21.62 33.08
N GLU A 318 -7.02 21.29 32.34
CA GLU A 318 -6.99 20.09 31.51
C GLU A 318 -5.77 20.18 30.61
N PRO A 319 -4.93 19.13 30.59
CA PRO A 319 -3.74 19.11 29.76
C PRO A 319 -4.03 18.65 28.34
N GLN A 320 -3.03 18.80 27.47
CA GLN A 320 -3.13 18.34 26.09
C GLN A 320 -3.18 16.83 26.29
N ILE A 321 -4.01 16.12 25.56
CA ILE A 321 -4.05 14.67 25.76
C ILE A 321 -2.70 14.04 25.43
N LEU A 322 -1.88 14.78 24.68
CA LEU A 322 -0.53 14.32 24.33
C LEU A 322 0.31 14.13 25.60
N ASP A 323 -0.12 14.74 26.70
CA ASP A 323 0.59 14.65 27.98
C ASP A 323 0.40 13.27 28.61
N PHE A 324 -0.67 12.58 28.24
CA PHE A 324 -0.97 11.27 28.80
C PHE A 324 -0.04 10.18 28.25
N GLN A 325 0.58 9.42 29.16
CA GLN A 325 1.49 8.35 28.78
C GLN A 325 0.81 7.31 27.88
N THR A 326 -0.46 7.03 28.14
CA THR A 326 -1.18 6.06 27.31
C THR A 326 -1.37 6.59 25.89
N GLN A 327 -1.57 7.91 25.78
CA GLN A 327 -1.75 8.53 24.47
C GLN A 327 -0.43 8.49 23.72
N GLN A 328 0.66 8.72 24.43
CA GLN A 328 1.98 8.68 23.82
C GLN A 328 2.31 7.25 23.41
N TYR A 329 1.90 6.29 24.23
CA TYR A 329 2.16 4.89 23.95
C TYR A 329 1.37 4.43 22.72
N LYS A 330 0.21 5.04 22.51
CA LYS A 330 -0.60 4.69 21.36
C LYS A 330 0.00 5.21 20.06
N LEU A 331 0.53 6.42 20.09
CA LEU A 331 1.05 7.05 18.87
C LEU A 331 2.55 7.01 18.54
N PHE A 332 3.41 7.29 19.50
CA PHE A 332 4.85 7.31 19.21
C PHE A 332 5.37 6.01 18.61
N PRO A 333 4.94 4.85 19.11
CA PRO A 333 5.43 3.61 18.52
C PRO A 333 5.04 3.51 17.04
N LEU A 334 3.86 4.05 16.71
CA LEU A 334 3.39 4.02 15.32
C LEU A 334 4.14 5.07 14.49
N LEU A 335 4.53 6.17 15.14
CA LEU A 335 5.28 7.22 14.46
C LEU A 335 6.64 6.62 14.07
N ALA A 336 7.23 5.87 15.01
CA ALA A 336 8.50 5.23 14.77
C ALA A 336 8.36 4.20 13.66
N THR A 337 7.24 3.47 13.67
CA THR A 337 6.97 2.47 12.64
C THR A 337 6.90 3.13 11.27
N ALA A 338 6.25 4.30 11.21
CA ALA A 338 6.15 5.01 9.95
C ALA A 338 7.55 5.31 9.40
N TYR A 339 8.43 5.86 10.23
CA TYR A 339 9.76 6.16 9.74
C TYR A 339 10.53 4.91 9.33
N ALA A 340 10.39 3.85 10.12
CA ALA A 340 11.06 2.59 9.84
C ALA A 340 10.68 2.06 8.46
N PHE A 341 9.40 2.20 8.12
CA PHE A 341 8.91 1.72 6.84
C PHE A 341 9.38 2.60 5.68
N HIS A 342 9.50 3.90 5.94
CA HIS A 342 9.98 4.81 4.89
C HIS A 342 11.36 4.38 4.45
N PHE A 343 12.23 4.09 5.42
CA PHE A 343 13.58 3.67 5.11
C PHE A 343 13.61 2.26 4.53
N VAL A 344 12.67 1.42 4.97
CA VAL A 344 12.58 0.05 4.46
C VAL A 344 12.20 0.10 2.98
N GLY A 345 11.29 1.01 2.65
CA GLY A 345 10.87 1.17 1.27
C GLY A 345 12.05 1.61 0.41
N ARG A 346 12.79 2.59 0.92
CA ARG A 346 13.96 3.10 0.21
C ARG A 346 15.00 2.03 0.02
N TYR A 347 15.21 1.22 1.04
CA TYR A 347 16.18 0.13 0.97
C TYR A 347 15.78 -0.80 -0.18
N MET A 348 14.49 -1.06 -0.30
CA MET A 348 13.97 -1.93 -1.36
C MET A 348 14.26 -1.34 -2.73
N LYS A 349 13.91 -0.08 -2.93
CA LYS A 349 14.14 0.56 -4.21
C LYS A 349 15.64 0.49 -4.52
N GLU A 350 16.45 0.83 -3.52
CA GLU A 350 17.90 0.81 -3.67
C GLU A 350 18.41 -0.57 -4.08
N THR A 351 18.05 -1.59 -3.30
CA THR A 351 18.46 -2.95 -3.58
C THR A 351 18.03 -3.41 -4.97
N TYR A 352 16.79 -3.12 -5.33
CA TYR A 352 16.26 -3.51 -6.64
C TYR A 352 16.97 -2.82 -7.80
N LEU A 353 17.40 -1.58 -7.58
CA LEU A 353 18.09 -0.83 -8.62
C LEU A 353 19.50 -1.35 -8.83
N ARG A 354 19.97 -2.17 -7.88
CA ARG A 354 21.31 -2.74 -7.97
C ARG A 354 21.23 -4.20 -8.40
N SER A 365 21.84 -14.04 -9.01
CA SER A 365 21.74 -15.10 -8.01
C SER A 365 21.04 -14.60 -6.75
N GLU A 366 20.87 -13.30 -6.65
CA GLU A 366 20.21 -12.68 -5.50
C GLU A 366 18.75 -12.36 -5.78
N LEU A 367 18.25 -12.81 -6.92
CA LEU A 367 16.86 -12.56 -7.29
C LEU A 367 15.87 -13.34 -6.44
N PRO A 368 16.12 -14.65 -6.21
CA PRO A 368 15.17 -15.42 -5.40
C PRO A 368 15.01 -14.71 -4.07
N GLU A 369 16.14 -14.31 -3.51
CA GLU A 369 16.21 -13.60 -2.25
C GLU A 369 15.38 -12.31 -2.32
N LEU A 370 15.51 -11.59 -3.43
CA LEU A 370 14.79 -10.33 -3.62
C LEU A 370 13.29 -10.55 -3.67
N HIS A 371 12.85 -11.51 -4.48
CA HIS A 371 11.42 -11.79 -4.61
C HIS A 371 10.85 -12.22 -3.26
N ALA A 372 11.55 -13.09 -2.57
CA ALA A 372 11.12 -13.59 -1.27
C ALA A 372 10.95 -12.49 -0.24
N LEU A 373 12.01 -11.69 -0.06
CA LEU A 373 11.97 -10.60 0.91
C LEU A 373 10.93 -9.54 0.57
N THR A 374 10.82 -9.20 -0.71
CA THR A 374 9.87 -8.17 -1.13
C THR A 374 8.43 -8.64 -0.91
N ALA A 375 8.18 -9.94 -1.07
CA ALA A 375 6.84 -10.45 -0.86
C ALA A 375 6.53 -10.31 0.63
N GLY A 376 7.50 -10.69 1.46
CA GLY A 376 7.32 -10.61 2.91
C GLY A 376 7.18 -9.22 3.49
N LEU A 377 8.04 -8.29 3.05
CA LEU A 377 7.99 -6.93 3.55
C LEU A 377 6.67 -6.24 3.14
N LYS A 378 6.19 -6.55 1.94
CA LYS A 378 4.93 -5.99 1.47
C LYS A 378 3.80 -6.35 2.44
N ALA A 379 3.77 -7.61 2.85
CA ALA A 379 2.75 -8.09 3.78
C ALA A 379 2.97 -7.55 5.19
N PHE A 380 4.23 -7.59 5.63
CA PHE A 380 4.59 -7.12 6.96
C PHE A 380 4.23 -5.65 7.17
N THR A 381 4.66 -4.79 6.26
CA THR A 381 4.37 -3.37 6.41
C THR A 381 2.91 -3.00 6.23
N THR A 382 2.24 -3.54 5.21
CA THR A 382 0.83 -3.20 5.00
C THR A 382 -0.05 -3.64 6.16
N TRP A 383 0.25 -4.79 6.77
CA TRP A 383 -0.53 -5.26 7.92
C TRP A 383 -0.33 -4.32 9.11
N THR A 384 0.92 -3.97 9.39
CA THR A 384 1.19 -3.10 10.54
C THR A 384 0.64 -1.69 10.33
N ALA A 385 0.78 -1.16 9.12
CA ALA A 385 0.28 0.18 8.85
C ALA A 385 -1.25 0.15 8.95
N ASN A 386 -1.84 -0.95 8.50
CA ASN A 386 -3.29 -1.12 8.53
C ASN A 386 -3.83 -0.96 9.95
N ALA A 387 -3.37 -1.80 10.86
CA ALA A 387 -3.81 -1.72 12.26
C ALA A 387 -3.44 -0.35 12.84
N GLY A 388 -2.23 0.11 12.54
CA GLY A 388 -1.76 1.38 13.07
C GLY A 388 -2.62 2.58 12.69
N ILE A 389 -3.16 2.59 11.48
CA ILE A 389 -4.00 3.69 11.04
C ILE A 389 -5.26 3.77 11.89
N GLU A 390 -5.86 2.62 12.20
CA GLU A 390 -7.07 2.60 13.02
C GLU A 390 -6.78 2.97 14.46
N GLU A 391 -5.57 2.70 14.93
CA GLU A 391 -5.17 3.05 16.28
C GLU A 391 -5.13 4.59 16.34
N CYS A 392 -4.63 5.21 15.28
CA CYS A 392 -4.56 6.67 15.21
C CYS A 392 -5.95 7.27 15.24
N ARG A 393 -6.87 6.68 14.49
CA ARG A 393 -8.24 7.14 14.44
C ARG A 393 -8.88 7.12 15.83
N MET A 394 -8.77 5.98 16.52
CA MET A 394 -9.36 5.83 17.85
C MET A 394 -8.72 6.68 18.94
N ALA A 395 -7.44 7.01 18.77
CA ALA A 395 -6.73 7.83 19.74
C ALA A 395 -7.28 9.25 19.72
N CYS A 396 -8.03 9.58 18.67
CA CYS A 396 -8.62 10.91 18.54
C CYS A 396 -9.99 10.97 19.20
N GLY A 397 -10.39 9.89 19.83
CA GLY A 397 -11.69 9.86 20.48
C GLY A 397 -12.83 9.92 19.48
N GLY A 398 -13.95 10.49 19.90
CA GLY A 398 -15.12 10.60 19.04
C GLY A 398 -14.92 11.30 17.71
N HIS A 399 -14.27 12.45 17.74
CA HIS A 399 -14.01 13.23 16.52
C HIS A 399 -13.23 12.43 15.48
N GLY A 400 -12.53 11.39 15.92
CA GLY A 400 -11.78 10.57 14.98
C GLY A 400 -12.74 9.81 14.06
N TYR A 401 -13.93 9.52 14.54
CA TYR A 401 -14.94 8.77 13.77
C TYR A 401 -15.54 9.60 12.64
N SER A 402 -15.59 10.92 12.81
CA SER A 402 -16.12 11.79 11.77
C SER A 402 -15.12 11.86 10.60
N HIS A 403 -15.62 12.04 9.38
CA HIS A 403 -14.73 12.13 8.24
C HIS A 403 -13.87 13.38 8.33
N SER A 404 -14.23 14.28 9.25
CA SER A 404 -13.49 15.51 9.45
C SER A 404 -12.09 15.21 9.99
N SER A 405 -11.90 14.03 10.59
CA SER A 405 -10.58 13.68 11.11
C SER A 405 -9.70 13.30 9.91
N GLY A 406 -10.36 12.91 8.83
CA GLY A 406 -9.65 12.51 7.63
C GLY A 406 -9.12 11.09 7.71
N ILE A 407 -9.08 10.49 8.89
CA ILE A 407 -8.52 9.16 9.00
C ILE A 407 -9.34 8.02 8.41
N PRO A 408 -10.68 8.06 8.52
CA PRO A 408 -11.44 6.96 7.92
C PRO A 408 -11.17 6.81 6.42
N ASN A 409 -11.02 7.92 5.71
CA ASN A 409 -10.75 7.83 4.28
C ASN A 409 -9.36 7.24 4.03
N ILE A 410 -8.40 7.63 4.85
CA ILE A 410 -7.03 7.13 4.72
C ILE A 410 -7.02 5.60 4.92
N TYR A 411 -7.71 5.15 5.96
CA TYR A 411 -7.79 3.71 6.26
C TYR A 411 -8.44 2.92 5.13
N VAL A 412 -9.64 3.36 4.78
CA VAL A 412 -10.44 2.72 3.74
C VAL A 412 -9.71 2.68 2.39
N THR A 413 -8.97 3.74 2.09
CA THR A 413 -8.23 3.84 0.85
C THR A 413 -7.00 2.93 0.90
N PHE A 414 -6.39 2.83 2.07
CA PHE A 414 -5.19 2.02 2.21
C PHE A 414 -5.38 0.51 2.38
N THR A 415 -6.32 0.13 3.24
CA THR A 415 -6.55 -1.25 3.57
C THR A 415 -6.54 -2.32 2.47
N PRO A 416 -6.96 -1.98 1.23
CA PRO A 416 -6.95 -3.00 0.18
C PRO A 416 -5.54 -3.49 -0.14
N ALA A 417 -4.54 -2.75 0.32
CA ALA A 417 -3.15 -3.10 0.08
C ALA A 417 -2.78 -4.43 0.73
N CYS A 418 -3.53 -4.84 1.74
CA CYS A 418 -3.27 -6.10 2.44
C CYS A 418 -3.88 -7.25 1.64
N THR A 419 -4.76 -6.92 0.72
CA THR A 419 -5.48 -7.92 -0.07
C THR A 419 -5.00 -8.07 -1.50
N PHE A 420 -4.83 -6.95 -2.21
CA PHE A 420 -4.37 -7.06 -3.58
C PHE A 420 -2.85 -7.04 -3.73
N GLU A 421 -2.38 -7.39 -4.94
CA GLU A 421 -0.95 -7.46 -5.26
C GLU A 421 -0.33 -8.56 -4.40
N GLY A 422 -1.09 -9.63 -4.21
CA GLY A 422 -0.64 -10.76 -3.42
C GLY A 422 -1.22 -10.69 -2.02
N GLU A 423 -2.20 -11.54 -1.73
CA GLU A 423 -2.81 -11.53 -0.40
C GLU A 423 -1.69 -11.76 0.61
N ASN A 424 -1.66 -10.93 1.66
CA ASN A 424 -0.62 -10.98 2.66
C ASN A 424 -0.22 -12.35 3.21
N THR A 425 -1.19 -13.17 3.58
CA THR A 425 -0.88 -14.50 4.11
C THR A 425 -0.15 -15.30 3.03
N VAL A 426 -0.64 -15.23 1.79
CA VAL A 426 -0.02 -15.95 0.69
C VAL A 426 1.42 -15.46 0.48
N MET A 427 1.62 -14.15 0.59
CA MET A 427 2.96 -13.55 0.42
C MET A 427 3.89 -14.02 1.53
N MET A 428 3.38 -14.09 2.75
CA MET A 428 4.21 -14.54 3.86
C MET A 428 4.62 -16.00 3.64
N LEU A 429 3.73 -16.80 3.06
CA LEU A 429 4.06 -18.20 2.81
C LEU A 429 5.09 -18.32 1.70
N GLN A 430 5.10 -17.36 0.77
CA GLN A 430 6.08 -17.38 -0.31
C GLN A 430 7.44 -17.09 0.33
N THR A 431 7.48 -16.16 1.26
CA THR A 431 8.71 -15.82 1.94
C THR A 431 9.19 -17.03 2.75
N ALA A 432 8.23 -17.75 3.32
CA ALA A 432 8.53 -18.94 4.11
C ALA A 432 9.13 -20.06 3.27
N ARG A 433 8.67 -20.18 2.03
CA ARG A 433 9.21 -21.23 1.16
C ARG A 433 10.69 -20.95 0.93
N PHE A 434 11.04 -19.69 0.74
CA PHE A 434 12.43 -19.31 0.53
C PHE A 434 13.27 -19.64 1.76
N LEU A 435 12.77 -19.27 2.94
CA LEU A 435 13.47 -19.52 4.19
C LEU A 435 13.71 -21.01 4.44
N MET A 436 12.74 -21.85 4.10
CA MET A 436 12.88 -23.29 4.28
C MET A 436 13.94 -23.84 3.30
N LYS A 437 14.01 -23.22 2.12
CA LYS A 437 14.96 -23.62 1.09
C LYS A 437 16.37 -23.36 1.59
N ILE A 438 16.57 -22.16 2.14
CA ILE A 438 17.85 -21.75 2.67
C ILE A 438 18.19 -22.61 3.88
N TYR A 439 17.18 -22.89 4.71
CA TYR A 439 17.37 -23.73 5.87
C TYR A 439 17.90 -25.09 5.41
N ASP A 440 17.27 -25.66 4.38
CA ASP A 440 17.69 -26.96 3.86
C ASP A 440 19.09 -26.92 3.26
N GLN A 441 19.45 -25.80 2.63
CA GLN A 441 20.79 -25.67 2.06
C GLN A 441 21.85 -25.71 3.15
N VAL A 442 21.61 -24.94 4.21
CA VAL A 442 22.54 -24.88 5.34
C VAL A 442 22.64 -26.25 5.99
N ARG A 443 21.50 -26.91 6.09
CA ARG A 443 21.42 -28.24 6.70
C ARG A 443 22.27 -29.22 5.89
N SER A 444 22.35 -28.98 4.58
CA SER A 444 23.11 -29.84 3.68
C SER A 444 24.61 -29.54 3.69
N GLY A 445 24.97 -28.39 4.25
CA GLY A 445 26.38 -28.03 4.33
C GLY A 445 26.78 -26.81 3.52
N LYS A 446 25.80 -26.12 2.94
CA LYS A 446 26.12 -24.94 2.14
C LYS A 446 26.12 -23.66 2.97
N LEU A 447 26.99 -22.72 2.60
CA LEU A 447 27.09 -21.43 3.27
C LEU A 447 26.25 -20.44 2.48
N VAL A 448 25.23 -19.88 3.12
CA VAL A 448 24.35 -18.93 2.44
C VAL A 448 24.73 -17.48 2.77
N GLY A 449 24.29 -16.56 1.92
CA GLY A 449 24.57 -15.14 2.13
C GLY A 449 23.32 -14.30 2.25
N GLY A 450 23.43 -13.01 1.94
CA GLY A 450 22.28 -12.13 2.03
C GLY A 450 21.76 -11.91 3.44
N MET A 451 20.52 -11.43 3.54
CA MET A 451 19.91 -11.18 4.84
C MET A 451 19.66 -12.47 5.64
N VAL A 452 19.87 -13.62 5.02
CA VAL A 452 19.65 -14.89 5.70
C VAL A 452 20.94 -15.54 6.21
N SER A 453 22.02 -14.78 6.17
CA SER A 453 23.32 -15.28 6.63
C SER A 453 23.22 -15.89 8.01
N TYR A 454 22.37 -15.30 8.85
CA TYR A 454 22.22 -15.78 10.22
C TYR A 454 21.82 -17.25 10.30
N LEU A 455 21.24 -17.79 9.23
CA LEU A 455 20.85 -19.19 9.22
C LEU A 455 22.07 -20.11 9.29
N ASN A 456 23.24 -19.58 8.97
CA ASN A 456 24.47 -20.39 9.03
C ASN A 456 24.78 -20.75 10.48
N ASP A 457 24.28 -19.94 11.42
CA ASP A 457 24.51 -20.14 12.84
C ASP A 457 23.59 -21.14 13.53
N LEU A 458 22.73 -21.81 12.76
CA LEU A 458 21.83 -22.81 13.35
C LEU A 458 22.66 -24.01 13.81
N PRO A 459 22.10 -24.84 14.69
CA PRO A 459 20.76 -24.77 15.29
C PRO A 459 20.67 -23.69 16.36
N SER A 460 19.44 -23.32 16.71
CA SER A 460 19.20 -22.29 17.71
C SER A 460 18.09 -22.70 18.68
N VAL A 475 22.74 -10.98 24.37
CA VAL A 475 22.63 -9.74 23.62
C VAL A 475 22.62 -8.52 24.55
N ASP A 476 22.52 -7.34 23.97
CA ASP A 476 22.52 -6.10 24.75
C ASP A 476 21.29 -5.26 24.43
N ILE A 477 20.34 -5.22 25.37
CA ILE A 477 19.11 -4.45 25.20
C ILE A 477 19.37 -2.95 25.21
N ASN A 478 20.61 -2.58 25.54
CA ASN A 478 20.99 -1.18 25.63
C ASN A 478 21.43 -0.50 24.32
N SER A 479 21.96 -1.29 23.39
CA SER A 479 22.42 -0.74 22.13
C SER A 479 21.62 -1.23 20.93
N LEU A 480 21.60 -0.45 19.86
CA LEU A 480 20.89 -0.85 18.66
C LEU A 480 21.54 -2.08 18.03
N GLU A 481 22.83 -2.25 18.27
CA GLU A 481 23.55 -3.41 17.73
C GLU A 481 23.05 -4.64 18.49
N GLY A 482 22.87 -4.49 19.80
CA GLY A 482 22.39 -5.59 20.60
C GLY A 482 20.94 -5.93 20.27
N LEU A 483 20.13 -4.90 20.03
CA LEU A 483 18.72 -5.10 19.71
C LEU A 483 18.57 -5.76 18.34
N THR A 484 19.41 -5.37 17.38
CA THR A 484 19.37 -5.96 16.05
C THR A 484 19.71 -7.44 16.16
N GLU A 485 20.72 -7.76 16.99
CA GLU A 485 21.14 -9.14 17.19
C GLU A 485 20.03 -9.96 17.84
N ALA A 486 19.25 -9.33 18.71
CA ALA A 486 18.14 -10.02 19.36
C ALA A 486 17.10 -10.41 18.32
N TYR A 487 16.81 -9.48 17.40
CA TYR A 487 15.84 -9.73 16.34
C TYR A 487 16.35 -10.79 15.37
N LYS A 488 17.67 -10.83 15.19
CA LYS A 488 18.28 -11.81 14.30
C LYS A 488 18.09 -13.20 14.88
N LEU A 489 18.40 -13.34 16.18
CA LEU A 489 18.28 -14.61 16.87
C LEU A 489 16.82 -15.07 16.99
N ARG A 490 15.90 -14.12 17.15
CA ARG A 490 14.49 -14.47 17.24
C ARG A 490 14.05 -15.08 15.91
N ALA A 491 14.51 -14.46 14.82
CA ALA A 491 14.16 -14.95 13.49
C ALA A 491 14.74 -16.33 13.27
N ALA A 492 15.99 -16.54 13.69
CA ALA A 492 16.64 -17.83 13.53
C ALA A 492 15.86 -18.89 14.31
N ARG A 493 15.44 -18.54 15.51
CA ARG A 493 14.69 -19.46 16.37
C ARG A 493 13.33 -19.86 15.78
N LEU A 494 12.57 -18.90 15.28
CA LEU A 494 11.26 -19.22 14.71
C LEU A 494 11.37 -19.94 13.36
N VAL A 495 12.48 -19.72 12.66
CA VAL A 495 12.68 -20.41 11.38
C VAL A 495 12.95 -21.87 11.71
N GLU A 496 13.76 -22.09 12.75
CA GLU A 496 14.09 -23.45 13.19
C GLU A 496 12.85 -24.20 13.63
N ILE A 497 11.98 -23.52 14.39
CA ILE A 497 10.74 -24.13 14.88
C ILE A 497 9.84 -24.53 13.73
N ALA A 498 9.73 -23.65 12.74
CA ALA A 498 8.89 -23.93 11.57
C ALA A 498 9.44 -25.11 10.77
N ALA A 499 10.75 -25.15 10.60
CA ALA A 499 11.40 -26.23 9.85
C ALA A 499 11.23 -27.56 10.57
N LYS A 500 11.43 -27.56 11.88
CA LYS A 500 11.29 -28.76 12.68
C LYS A 500 9.86 -29.30 12.63
N ASN A 501 8.87 -28.43 12.81
CA ASN A 501 7.49 -28.87 12.78
C ASN A 501 7.10 -29.38 11.39
N LEU A 502 7.55 -28.67 10.36
CA LEU A 502 7.27 -29.07 8.99
C LEU A 502 7.84 -30.47 8.75
N GLN A 503 9.05 -30.69 9.23
CA GLN A 503 9.73 -31.97 9.07
C GLN A 503 8.97 -33.09 9.77
N THR A 504 8.51 -32.80 10.99
CA THR A 504 7.76 -33.78 11.77
C THR A 504 6.53 -34.24 10.99
N HIS A 505 5.83 -33.29 10.37
CA HIS A 505 4.64 -33.60 9.59
C HIS A 505 4.95 -34.39 8.33
N VAL A 506 6.06 -34.07 7.67
CA VAL A 506 6.45 -34.79 6.46
C VAL A 506 6.76 -36.24 6.83
N SER A 507 7.49 -36.41 7.94
CA SER A 507 7.88 -37.72 8.42
C SER A 507 6.69 -38.63 8.75
N HIS A 508 5.68 -38.08 9.41
CA HIS A 508 4.52 -38.86 9.79
C HIS A 508 3.41 -38.96 8.77
N ARG A 509 3.28 -37.96 7.90
CA ARG A 509 2.21 -37.96 6.93
C ARG A 509 2.63 -38.09 5.47
N LYS A 510 3.94 -38.14 5.24
CA LYS A 510 4.51 -38.32 3.90
C LYS A 510 4.34 -37.14 2.92
N SER A 511 3.11 -36.76 2.61
CA SER A 511 2.88 -35.65 1.67
C SER A 511 3.45 -34.32 2.16
N LYS A 512 4.40 -33.77 1.39
CA LYS A 512 5.00 -32.49 1.76
C LYS A 512 3.99 -31.36 1.63
N GLU A 513 3.05 -31.52 0.69
CA GLU A 513 2.01 -30.53 0.48
C GLU A 513 1.08 -30.43 1.69
N VAL A 514 0.72 -31.57 2.25
CA VAL A 514 -0.13 -31.61 3.43
C VAL A 514 0.68 -31.09 4.62
N ALA A 515 1.95 -31.50 4.67
CA ALA A 515 2.85 -31.09 5.74
C ALA A 515 2.98 -29.58 5.77
N TRP A 516 3.14 -28.98 4.58
CA TRP A 516 3.28 -27.54 4.44
C TRP A 516 2.06 -26.83 5.04
N ASN A 517 0.86 -27.30 4.72
CA ASN A 517 -0.34 -26.68 5.25
C ASN A 517 -0.39 -26.79 6.78
N LEU A 518 -0.06 -27.96 7.31
CA LEU A 518 -0.09 -28.19 8.74
C LEU A 518 0.94 -27.41 9.55
N THR A 519 1.92 -26.82 8.87
CA THR A 519 2.91 -26.01 9.57
C THR A 519 2.88 -24.57 9.05
N SER A 520 1.87 -24.26 8.25
CA SER A 520 1.72 -22.94 7.65
C SER A 520 1.62 -21.80 8.65
N VAL A 521 0.98 -22.03 9.81
CA VAL A 521 0.89 -20.97 10.80
C VAL A 521 2.29 -20.67 11.35
N ASP A 522 3.08 -21.71 11.59
CA ASP A 522 4.44 -21.55 12.10
C ASP A 522 5.32 -20.90 11.03
N LEU A 523 5.11 -21.31 9.78
CA LEU A 523 5.89 -20.76 8.68
C LEU A 523 5.67 -19.26 8.52
N VAL A 524 4.42 -18.82 8.53
CA VAL A 524 4.13 -17.39 8.39
C VAL A 524 4.78 -16.62 9.55
N ARG A 525 4.77 -17.20 10.76
CA ARG A 525 5.40 -16.54 11.91
C ARG A 525 6.89 -16.38 11.69
N ALA A 526 7.48 -17.37 11.04
CA ALA A 526 8.92 -17.33 10.76
C ALA A 526 9.20 -16.21 9.76
N SER A 527 8.37 -16.10 8.74
CA SER A 527 8.53 -15.05 7.73
C SER A 527 8.36 -13.68 8.37
N GLU A 528 7.39 -13.57 9.27
CA GLU A 528 7.14 -12.32 9.96
C GLU A 528 8.35 -11.89 10.78
N ALA A 529 8.93 -12.85 11.52
CA ALA A 529 10.09 -12.57 12.35
C ALA A 529 11.29 -12.16 11.48
N HIS A 530 11.45 -12.81 10.34
CA HIS A 530 12.55 -12.48 9.45
C HIS A 530 12.41 -11.05 8.95
N CYS A 531 11.22 -10.69 8.48
CA CYS A 531 10.97 -9.34 7.97
C CYS A 531 11.14 -8.29 9.06
N HIS A 532 10.72 -8.62 10.27
CA HIS A 532 10.83 -7.69 11.38
C HIS A 532 12.30 -7.37 11.60
N TYR A 533 13.13 -8.41 11.59
CA TYR A 533 14.57 -8.26 11.78
C TYR A 533 15.13 -7.36 10.69
N VAL A 534 14.71 -7.58 9.45
CA VAL A 534 15.18 -6.77 8.33
C VAL A 534 14.82 -5.30 8.51
N VAL A 535 13.59 -5.02 8.94
CA VAL A 535 13.19 -3.63 9.13
C VAL A 535 14.07 -2.99 10.20
N VAL A 536 14.24 -3.67 11.33
CA VAL A 536 15.08 -3.16 12.41
C VAL A 536 16.51 -2.91 11.92
N LYS A 537 17.08 -3.88 11.22
CA LYS A 537 18.44 -3.75 10.71
C LYS A 537 18.58 -2.61 9.71
N VAL A 538 17.65 -2.49 8.78
CA VAL A 538 17.69 -1.43 7.79
C VAL A 538 17.56 -0.06 8.43
N PHE A 539 16.68 0.05 9.42
CA PHE A 539 16.48 1.32 10.12
C PHE A 539 17.76 1.67 10.88
N SER A 540 18.31 0.70 11.61
CA SER A 540 19.54 0.88 12.37
C SER A 540 20.72 1.26 11.47
N ASP A 541 20.86 0.56 10.34
CA ASP A 541 21.94 0.81 9.40
C ASP A 541 21.88 2.20 8.78
N LYS A 542 20.68 2.77 8.70
CA LYS A 542 20.51 4.09 8.10
C LYS A 542 21.01 5.25 8.98
N LEU A 543 20.88 5.11 10.30
CA LEU A 543 21.27 6.17 11.22
C LEU A 543 22.66 6.80 11.02
N PRO A 544 23.72 5.98 10.93
CA PRO A 544 25.07 6.49 10.74
C PRO A 544 25.24 7.37 9.50
N LYS A 545 24.37 7.18 8.51
CA LYS A 545 24.44 7.95 7.27
C LYS A 545 23.79 9.33 7.37
N ILE A 546 23.03 9.56 8.44
CA ILE A 546 22.37 10.85 8.62
C ILE A 546 23.40 11.94 8.89
N GLN A 547 23.41 12.96 8.02
CA GLN A 547 24.35 14.08 8.13
C GLN A 547 24.14 15.01 9.34
N ASP A 548 22.94 15.55 9.49
CA ASP A 548 22.67 16.45 10.61
C ASP A 548 22.56 15.66 11.92
N LYS A 549 23.32 16.07 12.93
CA LYS A 549 23.33 15.39 14.21
C LYS A 549 22.03 15.39 15.00
N ALA A 550 21.34 16.53 15.02
CA ALA A 550 20.08 16.63 15.74
C ALA A 550 19.07 15.70 15.08
N VAL A 551 19.14 15.58 13.76
CA VAL A 551 18.23 14.71 13.03
C VAL A 551 18.55 13.25 13.36
N GLN A 552 19.83 12.91 13.35
CA GLN A 552 20.24 11.53 13.64
C GLN A 552 19.79 11.12 15.04
N ALA A 553 20.00 12.02 16.00
CA ALA A 553 19.63 11.75 17.38
C ALA A 553 18.13 11.44 17.56
N VAL A 554 17.26 12.26 16.98
CA VAL A 554 15.83 12.00 17.12
C VAL A 554 15.42 10.70 16.44
N LEU A 555 15.94 10.49 15.23
CA LEU A 555 15.61 9.27 14.49
C LEU A 555 16.18 8.04 15.16
N ARG A 556 17.21 8.23 15.98
CA ARG A 556 17.81 7.13 16.71
C ARG A 556 16.83 6.72 17.81
N ASN A 557 16.19 7.71 18.41
CA ASN A 557 15.20 7.46 19.47
C ASN A 557 14.01 6.69 18.89
N LEU A 558 13.62 7.00 17.67
CA LEU A 558 12.51 6.31 17.02
C LEU A 558 12.91 4.89 16.70
N CYS A 559 14.13 4.71 16.22
CA CYS A 559 14.63 3.38 15.88
C CYS A 559 14.66 2.54 17.16
N LEU A 560 15.14 3.14 18.25
CA LEU A 560 15.20 2.44 19.53
C LEU A 560 13.80 2.08 20.00
N LEU A 561 12.86 3.02 19.88
CA LEU A 561 11.48 2.77 20.29
C LEU A 561 10.86 1.65 19.46
N TYR A 562 11.04 1.71 18.15
CA TYR A 562 10.49 0.68 17.26
C TYR A 562 11.02 -0.71 17.63
N SER A 563 12.32 -0.79 17.85
CA SER A 563 12.98 -2.05 18.20
C SER A 563 12.51 -2.59 19.55
N LEU A 564 12.62 -1.77 20.60
CA LEU A 564 12.20 -2.17 21.94
C LEU A 564 10.73 -2.52 21.94
N TYR A 565 9.93 -1.70 21.25
CA TYR A 565 8.50 -1.92 21.19
C TYR A 565 8.18 -3.30 20.62
N GLY A 566 8.84 -3.67 19.53
CA GLY A 566 8.61 -4.97 18.93
C GLY A 566 8.95 -6.11 19.88
N ILE A 567 9.97 -5.91 20.72
CA ILE A 567 10.38 -6.94 21.67
C ILE A 567 9.34 -7.08 22.78
N SER A 568 8.83 -5.95 23.26
CA SER A 568 7.83 -5.96 24.31
C SER A 568 6.56 -6.62 23.80
N GLN A 569 6.15 -6.28 22.59
CA GLN A 569 4.93 -6.83 22.02
C GLN A 569 4.97 -8.34 21.80
N LYS A 570 6.16 -8.89 21.58
CA LYS A 570 6.32 -10.33 21.36
C LYS A 570 7.37 -10.91 22.32
N GLY A 571 7.36 -10.43 23.56
CA GLY A 571 8.33 -10.89 24.54
C GLY A 571 8.52 -12.39 24.59
N GLY A 572 7.41 -13.12 24.47
CA GLY A 572 7.48 -14.58 24.52
C GLY A 572 8.44 -15.20 23.54
N ASP A 573 8.57 -14.60 22.35
CA ASP A 573 9.47 -15.13 21.34
C ASP A 573 10.92 -15.07 21.81
N PHE A 574 11.29 -13.94 22.40
CA PHE A 574 12.66 -13.76 22.87
C PHE A 574 12.97 -14.54 24.14
N LEU A 575 11.99 -14.70 25.03
CA LEU A 575 12.21 -15.46 26.26
C LEU A 575 12.26 -16.96 25.98
N GLU A 576 11.34 -17.44 25.15
CA GLU A 576 11.30 -18.86 24.83
C GLU A 576 12.63 -19.32 24.24
N GLY A 577 13.26 -18.45 23.45
CA GLY A 577 14.52 -18.81 22.84
C GLY A 577 15.74 -18.46 23.67
N SER A 578 15.53 -18.10 24.93
CA SER A 578 16.64 -17.72 25.81
C SER A 578 17.46 -16.59 25.19
N ILE A 579 16.81 -15.74 24.40
CA ILE A 579 17.50 -14.63 23.76
C ILE A 579 17.70 -13.47 24.72
N ILE A 580 16.72 -13.25 25.61
CA ILE A 580 16.79 -12.20 26.63
C ILE A 580 16.17 -12.81 27.89
N THR A 581 16.54 -12.28 29.05
CA THR A 581 15.98 -12.79 30.30
C THR A 581 14.71 -12.01 30.64
N GLY A 582 13.95 -12.52 31.61
CA GLY A 582 12.74 -11.84 32.00
C GLY A 582 13.07 -10.45 32.52
N ALA A 583 14.23 -10.34 33.15
CA ALA A 583 14.70 -9.07 33.70
C ALA A 583 14.94 -8.06 32.59
N GLN A 584 15.53 -8.50 31.49
CA GLN A 584 15.78 -7.60 30.37
C GLN A 584 14.45 -7.14 29.76
N LEU A 585 13.47 -8.04 29.72
CA LEU A 585 12.18 -7.68 29.16
C LEU A 585 11.57 -6.52 29.94
N SER A 586 11.63 -6.59 31.26
CA SER A 586 11.08 -5.52 32.09
C SER A 586 11.86 -4.23 31.83
N GLN A 587 13.17 -4.37 31.61
CA GLN A 587 14.00 -3.20 31.33
C GLN A 587 13.53 -2.62 30.00
N VAL A 588 13.26 -3.48 29.04
CA VAL A 588 12.79 -3.04 27.73
C VAL A 588 11.52 -2.21 27.90
N ASN A 589 10.58 -2.72 28.69
CA ASN A 589 9.34 -2.01 28.92
C ASN A 589 9.54 -0.66 29.60
N ALA A 590 10.46 -0.62 30.57
CA ALA A 590 10.75 0.62 31.26
C ALA A 590 11.41 1.60 30.31
N ARG A 591 12.31 1.10 29.47
CA ARG A 591 13.01 1.96 28.52
C ARG A 591 12.06 2.54 27.47
N ILE A 592 11.03 1.80 27.09
CA ILE A 592 10.05 2.29 26.12
C ILE A 592 9.34 3.53 26.67
N LEU A 593 8.97 3.48 27.94
CA LEU A 593 8.28 4.61 28.57
C LEU A 593 9.18 5.84 28.67
N GLU A 594 10.46 5.62 28.97
CA GLU A 594 11.41 6.72 29.07
C GLU A 594 11.56 7.38 27.69
N LEU A 595 11.59 6.55 26.64
CA LEU A 595 11.73 7.08 25.30
C LEU A 595 10.53 7.93 24.88
N LEU A 596 9.35 7.62 25.42
CA LEU A 596 8.16 8.39 25.06
C LEU A 596 8.32 9.85 25.49
N THR A 597 8.77 10.07 26.72
CA THR A 597 8.95 11.44 27.20
C THR A 597 10.07 12.14 26.44
N LEU A 598 11.10 11.38 26.07
CA LEU A 598 12.23 11.94 25.33
C LEU A 598 11.82 12.28 23.90
N ILE A 599 10.81 11.59 23.39
CA ILE A 599 10.34 11.84 22.03
C ILE A 599 9.28 12.93 22.01
N ARG A 600 8.48 13.02 23.07
CA ARG A 600 7.41 14.01 23.18
C ARG A 600 7.72 15.41 22.64
N PRO A 601 8.83 16.03 23.08
CA PRO A 601 9.22 17.37 22.62
C PRO A 601 9.35 17.53 21.11
N ASN A 602 9.56 16.42 20.42
CA ASN A 602 9.75 16.41 18.96
C ASN A 602 8.57 15.80 18.18
N ALA A 603 7.59 15.27 18.90
CA ALA A 603 6.43 14.63 18.28
C ALA A 603 5.81 15.39 17.11
N VAL A 604 5.40 16.62 17.37
CA VAL A 604 4.75 17.43 16.33
C VAL A 604 5.67 17.80 15.17
N ALA A 605 6.92 18.16 15.48
CA ALA A 605 7.86 18.51 14.41
C ALA A 605 8.14 17.28 13.55
N LEU A 606 8.16 16.10 14.18
CA LEU A 606 8.42 14.87 13.46
C LEU A 606 7.31 14.54 12.44
N VAL A 607 6.09 14.97 12.71
CA VAL A 607 5.03 14.71 11.74
C VAL A 607 5.00 15.85 10.71
N ASP A 608 5.36 17.05 11.14
CA ASP A 608 5.41 18.20 10.23
C ASP A 608 6.41 17.87 9.12
N ALA A 609 7.46 17.15 9.51
CA ALA A 609 8.52 16.75 8.58
C ALA A 609 8.03 15.98 7.36
N PHE A 610 6.89 15.29 7.49
CA PHE A 610 6.34 14.52 6.38
C PHE A 610 5.89 15.49 5.30
N ASP A 611 5.70 16.74 5.70
CA ASP A 611 5.31 17.81 4.78
C ASP A 611 4.00 17.61 4.03
N PHE A 612 3.03 16.96 4.67
CA PHE A 612 1.73 16.76 4.02
C PHE A 612 0.97 18.09 4.04
N LYS A 613 0.33 18.42 2.93
CA LYS A 613 -0.46 19.65 2.84
C LYS A 613 -1.80 19.35 3.49
N ASP A 614 -2.50 20.38 3.93
CA ASP A 614 -3.81 20.18 4.55
C ASP A 614 -4.75 19.44 3.59
N MET A 615 -4.75 19.85 2.33
CA MET A 615 -5.62 19.23 1.33
C MET A 615 -5.32 17.73 1.18
N THR A 616 -4.07 17.35 1.42
CA THR A 616 -3.66 15.95 1.31
C THR A 616 -4.13 15.13 2.51
N LEU A 617 -4.10 15.72 3.69
CA LEU A 617 -4.53 15.02 4.89
C LEU A 617 -6.06 14.96 4.87
N GLY A 618 -6.68 15.98 4.29
CA GLY A 618 -8.14 16.03 4.22
C GLY A 618 -8.71 15.96 5.63
N SER A 619 -8.03 16.62 6.55
CA SER A 619 -8.43 16.59 7.95
C SER A 619 -8.52 17.94 8.65
N VAL A 620 -9.63 18.16 9.34
CA VAL A 620 -9.83 19.39 10.08
C VAL A 620 -9.05 19.26 11.40
N LEU A 621 -9.07 18.05 11.96
CA LEU A 621 -8.39 17.78 13.22
C LEU A 621 -6.88 17.87 13.08
N GLY A 622 -6.39 17.52 11.91
CA GLY A 622 -4.96 17.53 11.65
C GLY A 622 -4.38 18.71 10.91
N ARG A 623 -5.15 19.79 10.77
CA ARG A 623 -4.69 21.01 10.10
C ARG A 623 -3.35 21.45 10.64
N TYR A 624 -2.52 22.00 9.76
CA TYR A 624 -1.20 22.47 10.17
C TYR A 624 -1.29 23.58 11.22
N ASP A 625 -2.25 24.51 11.07
CA ASP A 625 -2.36 25.61 12.02
C ASP A 625 -3.01 25.29 13.36
N GLY A 626 -3.54 24.08 13.50
CA GLY A 626 -4.15 23.70 14.77
C GLY A 626 -5.48 24.34 15.09
N ASN A 627 -5.99 25.19 14.20
CA ASN A 627 -7.27 25.85 14.42
C ASN A 627 -8.37 24.83 14.10
N VAL A 628 -8.58 23.89 15.01
CA VAL A 628 -9.54 22.81 14.81
C VAL A 628 -11.02 23.11 14.93
N TYR A 629 -11.43 23.48 16.13
CA TYR A 629 -12.83 23.73 16.46
C TYR A 629 -13.63 24.69 15.58
N GLU A 630 -13.10 25.86 15.27
CA GLU A 630 -13.83 26.80 14.41
C GLU A 630 -14.04 26.14 13.04
N ASN A 631 -12.99 25.52 12.53
CA ASN A 631 -13.06 24.88 11.22
C ASN A 631 -13.95 23.64 11.23
N LEU A 632 -14.04 22.97 12.38
CA LEU A 632 -14.90 21.80 12.48
C LEU A 632 -16.37 22.24 12.39
N PHE A 633 -16.71 23.31 13.10
CA PHE A 633 -18.07 23.82 13.10
C PHE A 633 -18.49 24.19 11.67
N GLU A 634 -17.61 24.88 10.97
CA GLU A 634 -17.88 25.29 9.58
C GLU A 634 -18.06 24.09 8.67
N TRP A 635 -17.15 23.14 8.80
CA TRP A 635 -17.19 21.92 7.99
C TRP A 635 -18.57 21.29 8.11
N ALA A 636 -19.03 21.12 9.36
CA ALA A 636 -20.34 20.52 9.62
C ALA A 636 -21.48 21.30 8.97
N LYS A 637 -21.43 22.62 9.10
CA LYS A 637 -22.48 23.46 8.52
C LYS A 637 -22.48 23.41 6.99
N LYS A 638 -21.34 23.07 6.41
CA LYS A 638 -21.23 22.99 4.96
C LYS A 638 -21.68 21.62 4.42
N SER A 639 -21.85 20.65 5.33
CA SER A 639 -22.24 19.29 4.95
C SER A 639 -23.67 19.19 4.39
N PRO A 640 -23.91 18.20 3.50
CA PRO A 640 -25.17 17.89 2.81
C PRO A 640 -26.50 17.96 3.54
N LEU A 641 -26.60 17.32 4.70
CA LEU A 641 -27.86 17.31 5.46
C LEU A 641 -28.24 18.68 6.00
N ASN A 642 -27.32 19.62 5.94
CA ASN A 642 -27.60 20.97 6.42
C ASN A 642 -27.89 21.89 5.25
N LYS A 643 -28.21 21.30 4.11
CA LYS A 643 -28.55 22.07 2.91
C LYS A 643 -29.80 22.87 3.26
N THR A 644 -30.67 22.28 4.08
CA THR A 644 -31.89 22.91 4.53
C THR A 644 -32.01 22.67 6.04
N GLU A 645 -32.71 23.54 6.74
CA GLU A 645 -32.87 23.40 8.19
C GLU A 645 -33.76 22.22 8.54
N VAL A 646 -34.73 21.94 7.68
CA VAL A 646 -35.65 20.84 7.91
C VAL A 646 -35.46 19.79 6.82
N HIS A 647 -35.30 18.54 7.24
CA HIS A 647 -35.12 17.46 6.28
C HIS A 647 -36.48 17.04 5.75
N GLU A 648 -36.52 16.69 4.47
CA GLU A 648 -37.73 16.29 3.80
C GLU A 648 -38.48 15.21 4.59
N SER A 649 -37.74 14.31 5.22
CA SER A 649 -38.33 13.22 6.00
C SER A 649 -39.22 13.70 7.13
N TYR A 650 -39.01 14.93 7.59
CA TYR A 650 -39.84 15.46 8.65
C TYR A 650 -41.27 15.62 8.15
N HIS A 651 -41.42 16.32 7.03
CA HIS A 651 -42.75 16.55 6.46
C HIS A 651 -43.47 15.27 6.08
N LYS A 652 -42.73 14.26 5.63
CA LYS A 652 -43.35 13.01 5.23
C LYS A 652 -43.67 12.01 6.34
N HIS A 653 -42.86 11.97 7.39
CA HIS A 653 -43.08 10.98 8.44
C HIS A 653 -43.22 11.47 9.88
N LEU A 654 -42.89 12.73 10.14
CA LEU A 654 -43.01 13.23 11.51
C LEU A 654 -44.10 14.26 11.70
N LYS A 655 -44.18 15.23 10.80
CA LYS A 655 -45.20 16.26 10.89
C LYS A 655 -46.59 15.66 11.04
#